data_9CEZ
#
_entry.id   9CEZ
#
loop_
_entity.id
_entity.type
_entity.pdbx_description
1 polymer "DNA (5'-D(P*TP*AP*CP*CP*CP*GP*GP*GP*CP*AP*TP*A)-3')"
2 polymer 'Maltose/maltodextrin-binding periplasmic protein,Spizellomyces punctatus Fanzor 1'
3 polymer 'DNA (27-MER)'
4 polymer 'RNA (76-MER)'
5 non-polymer 'MAGNESIUM ION'
6 non-polymer 'ZINC ION'
#
loop_
_entity_poly.entity_id
_entity_poly.type
_entity_poly.pdbx_seq_one_letter_code
_entity_poly.pdbx_strand_id
1 'polydeoxyribonucleotide'
;(DA)(DT)(DT)(DC)(DG)(DA)(DG)(DC)(DT)(DC)(DG)(DG)(DT)(DA)(DC)(DC)(DC)(DG)(DG)(DG)
(DC)(DA)(DT)(DA)(DT)(DC)(DT)(DA)(DT)(DA)(DG)(DG)(DT)(DT)(DA)(DT)(DG)(DA)(DA)(DA)
(DT)(DC)(DA)(DA)(DA)(DT)(DT)(DA)(DC)(DA)(DA)(DA)(DT)(DA)
;
N
2 'polypeptide(L)'
;MKSSHHHHHHHHHHGSSMKIEEGKLVIWINGDKGYNGLAEVGKKFEKDTGIKVTVEHPDKLEEKFPQVAATGDGPDIIFW
AHDRFGGYAQSGLLAEITPDKAFQDKLYPFTWDAVRYNGKLIAYPIAVEALSLIYNKDLLPNPPKTWEEIPALDKELKAK
GKSALMFNLQEPYFTWPLIAADGGYAFKYENGKYDIKDVGVDNAGAKAGLTFLVDLIKNKHMNADTDYSIAEAAFNKGET
AMTINGPWAWSNIDTSKVNYGVTVLPTFKGQPSKPFVGVLSAGINAASPNKELAKEFLENYLLTDEGLEAVNKDKPLGAV
ALKSYEEELAKDPRIAATMENAQKGEIMPNIPQMSAFWYAVRTAVINAASGRQTVDEALKDAQTGSENLYFQSNAPPKKK
QKLERLKKLDKPTLHTCNKTSFAKAFLPNETYRQRLLDYIAIIHQLADHASHALKFYILSTSTSSFPVVHEDTIEAILYL
LNKGEAWHPRKEAKKAWRDCLLPYVQRYCQIVGFIHPNLRGEQQSINYLTVSMMTNLKVNVQEHFMQMLLRYINLRFDVK
GQKQRLPPKSDARKAFFTRLRYLKSVFLFDVVPELEFLDDLTPLESEVLEEIWSLDLPFLPNDPLAYAIVADPMSFFPAY
CKLSGLYEQYGFQRFSAIPLRRSLIQSHVRIDTIILYQHILCITRRDAETVEKDDLWMRVCNLCTKAFRSRCGMHFEGSI
TTDGASVSVYLKHPEADKYGKRGARKSANTVAAEVKALYVENNLPACRAAENVVVIDPNKRDILYCQDSNGTTFRYTANQ
RAVETGSRRFAKRREAMKEEAGVDLIESRIPSHKTMNLMDFTRYLLVRRADWDRRKEFYSHPAHTRWKWHSFINRQKSES
DLISNMRNKYGENFTVVMGDWSDAGRTARFQTSSKTKGWRTLFKRNRIDCFLLDEYKTSSVCPRCSSSEFVEKKFKTRPH
SRPWRRREGKIEKVHGLLGCTNPNCLQQAWTSGMRYWNRDMLSTCNMLLIVRSMLDGHGRPEVFSRSVPAVA
;
P
3 'polydeoxyribonucleotide'
;(DT)(DA)(DT)(DT)(DT)(DG)(DT)(DA)(DA)(DT)(DT)(DT)(DG)(DA)(DT)(DT)(DT)(DC)(DA)(DT)
(DA)(DA)(DC)(DC)(DT)(DA)(DT)(DA)(DG)(DA)(DT)(DA)(DT)(DG)(DC)(DC)(DC)(DG)(DG)(DG)
(DT)(DA)(DC)(DC)(DG)(DA)(DG)(DC)(DT)(DC)(DG)(DA)(DA)(DT)
;
T
4 'polyribonucleotide'
;GUUUUCCGAGCCGGUUGUCGCGCGGUUCAAUCCCUGGUGCGGGUGCUAGUGCCAAUACCCACCGGCUCCGCACUAUCUAU
AGGUUAUGAAAUCAAA
;
W
#
loop_
_chem_comp.id
_chem_comp.type
_chem_comp.name
_chem_comp.formula
A RNA linking ADENOSINE-5'-MONOPHOSPHATE 'C10 H14 N5 O7 P'
C RNA linking CYTIDINE-5'-MONOPHOSPHATE 'C9 H14 N3 O8 P'
DA DNA linking 2'-DEOXYADENOSINE-5'-MONOPHOSPHATE 'C10 H14 N5 O6 P'
DC DNA linking 2'-DEOXYCYTIDINE-5'-MONOPHOSPHATE 'C9 H14 N3 O7 P'
DG DNA linking 2'-DEOXYGUANOSINE-5'-MONOPHOSPHATE 'C10 H14 N5 O7 P'
DT DNA linking THYMIDINE-5'-MONOPHOSPHATE 'C10 H15 N2 O8 P'
G RNA linking GUANOSINE-5'-MONOPHOSPHATE 'C10 H14 N5 O8 P'
MG non-polymer 'MAGNESIUM ION' 'Mg 2'
U RNA linking URIDINE-5'-MONOPHOSPHATE 'C9 H13 N2 O9 P'
ZN non-polymer 'ZINC ION' 'Zn 2'
#
# COMPACT_ATOMS: atom_id res chain seq x y z
N PRO B 412 -8.36 -10.96 11.12
CA PRO B 412 -8.30 -10.52 12.52
C PRO B 412 -7.19 -11.21 13.31
N THR B 413 -7.29 -11.17 14.64
CA THR B 413 -6.27 -11.78 15.48
C THR B 413 -6.29 -13.31 15.40
N LEU B 414 -7.33 -13.88 14.81
CA LEU B 414 -7.50 -15.34 14.80
C LEU B 414 -6.68 -16.03 13.72
N HIS B 415 -5.96 -15.29 12.88
CA HIS B 415 -5.17 -15.87 11.80
C HIS B 415 -3.74 -15.34 11.87
N THR B 416 -2.79 -16.18 11.43
CA THR B 416 -1.41 -15.77 11.30
C THR B 416 -0.78 -16.50 10.12
N CYS B 417 0.45 -16.13 9.80
CA CYS B 417 1.14 -16.69 8.65
C CYS B 417 2.60 -16.94 8.97
N ASN B 418 3.13 -18.04 8.44
CA ASN B 418 4.56 -18.35 8.51
C ASN B 418 5.06 -18.64 7.10
N LYS B 419 6.09 -17.92 6.67
CA LYS B 419 6.60 -18.04 5.31
C LYS B 419 7.89 -18.85 5.31
N THR B 420 7.94 -19.89 4.47
CA THR B 420 9.10 -20.76 4.38
C THR B 420 9.45 -20.96 2.92
N SER B 421 10.54 -21.67 2.68
CA SER B 421 10.99 -21.94 1.32
C SER B 421 10.19 -23.08 0.70
N PHE B 422 10.13 -23.08 -0.63
CA PHE B 422 9.41 -24.14 -1.34
C PHE B 422 10.02 -25.50 -1.09
N ALA B 423 11.35 -25.58 -1.07
CA ALA B 423 12.02 -26.88 -0.90
C ALA B 423 11.69 -27.49 0.46
N LYS B 424 11.72 -26.68 1.51
CA LYS B 424 11.48 -27.21 2.85
C LYS B 424 10.01 -27.59 3.06
N ALA B 425 9.09 -26.82 2.50
CA ALA B 425 7.66 -27.05 2.75
C ALA B 425 7.21 -28.39 2.19
N PHE B 426 7.63 -28.72 0.97
CA PHE B 426 7.12 -29.88 0.25
C PHE B 426 8.15 -31.00 0.21
N LEU B 427 7.65 -32.23 0.12
CA LEU B 427 8.52 -33.39 -0.01
C LEU B 427 9.15 -33.40 -1.40
N PRO B 428 10.26 -34.12 -1.58
CA PRO B 428 11.00 -34.07 -2.85
C PRO B 428 10.31 -34.77 -4.02
N ASN B 429 9.07 -35.21 -3.88
CA ASN B 429 8.35 -35.83 -5.00
C ASN B 429 8.17 -34.79 -6.10
N GLU B 430 8.77 -35.05 -7.26
CA GLU B 430 8.77 -34.05 -8.33
C GLU B 430 7.40 -33.90 -8.97
N THR B 431 6.60 -34.97 -9.01
CA THR B 431 5.30 -34.88 -9.69
C THR B 431 4.40 -33.85 -9.02
N TYR B 432 4.33 -33.88 -7.69
CA TYR B 432 3.47 -32.94 -6.98
C TYR B 432 3.94 -31.50 -7.20
N ARG B 433 5.25 -31.27 -7.15
CA ARG B 433 5.78 -29.93 -7.37
C ARG B 433 5.44 -29.44 -8.78
N GLN B 434 5.61 -30.31 -9.78
CA GLN B 434 5.28 -29.92 -11.14
C GLN B 434 3.81 -29.61 -11.29
N ARG B 435 2.95 -30.42 -10.66
CA ARG B 435 1.51 -30.15 -10.73
C ARG B 435 1.17 -28.81 -10.08
N LEU B 436 1.77 -28.52 -8.94
CA LEU B 436 1.53 -27.23 -8.28
C LEU B 436 1.95 -26.07 -9.19
N LEU B 437 3.16 -26.19 -9.78
CA LEU B 437 3.67 -25.13 -10.63
C LEU B 437 2.78 -24.92 -11.85
N ASP B 438 2.31 -26.02 -12.46
CA ASP B 438 1.42 -25.91 -13.60
C ASP B 438 0.08 -25.27 -13.21
N TYR B 439 -0.47 -25.65 -12.06
CA TYR B 439 -1.77 -25.13 -11.65
C TYR B 439 -1.70 -23.63 -11.37
N ILE B 440 -0.66 -23.19 -10.66
CA ILE B 440 -0.57 -21.77 -10.31
C ILE B 440 -0.45 -20.92 -11.57
N ALA B 441 0.30 -21.39 -12.57
CA ALA B 441 0.43 -20.64 -13.82
C ALA B 441 -0.90 -20.48 -14.53
N ILE B 442 -1.72 -21.53 -14.58
CA ILE B 442 -3.03 -21.43 -15.20
C ILE B 442 -3.90 -20.45 -14.43
N ILE B 443 -3.86 -20.52 -13.10
CA ILE B 443 -4.69 -19.62 -12.30
C ILE B 443 -4.30 -18.16 -12.52
N HIS B 444 -3.00 -17.88 -12.62
CA HIS B 444 -2.56 -16.51 -12.83
C HIS B 444 -3.09 -15.96 -14.15
N GLN B 445 -2.98 -16.73 -15.22
CA GLN B 445 -3.49 -16.29 -16.52
C GLN B 445 -4.99 -16.09 -16.48
N LEU B 446 -5.70 -17.01 -15.81
CA LEU B 446 -7.15 -16.87 -15.70
C LEU B 446 -7.52 -15.56 -15.01
N ALA B 447 -6.85 -15.25 -13.90
CA ALA B 447 -7.15 -14.01 -13.18
C ALA B 447 -6.85 -12.79 -14.03
N ASP B 448 -5.70 -12.78 -14.70
CA ASP B 448 -5.32 -11.63 -15.51
C ASP B 448 -6.33 -11.39 -16.62
N HIS B 449 -6.66 -12.45 -17.37
CA HIS B 449 -7.59 -12.29 -18.48
C HIS B 449 -8.99 -11.97 -17.98
N ALA B 450 -9.37 -12.46 -16.80
CA ALA B 450 -10.68 -12.12 -16.24
C ALA B 450 -10.76 -10.63 -15.93
N SER B 451 -9.72 -10.08 -15.31
CA SER B 451 -9.72 -8.65 -15.02
C SER B 451 -9.77 -7.83 -16.31
N HIS B 452 -8.95 -8.20 -17.29
CA HIS B 452 -8.95 -7.45 -18.55
C HIS B 452 -10.29 -7.55 -19.26
N ALA B 453 -10.92 -8.73 -19.26
CA ALA B 453 -12.22 -8.88 -19.88
C ALA B 453 -13.29 -8.10 -19.15
N LEU B 454 -13.21 -8.02 -17.81
CA LEU B 454 -14.15 -7.19 -17.06
C LEU B 454 -14.03 -5.73 -17.48
N LYS B 455 -12.80 -5.24 -17.58
CA LYS B 455 -12.62 -3.85 -18.00
C LYS B 455 -13.14 -3.64 -19.42
N PHE B 456 -12.86 -4.60 -20.32
CA PHE B 456 -13.34 -4.49 -21.69
C PHE B 456 -14.86 -4.45 -21.75
N TYR B 457 -15.51 -5.31 -20.96
CA TYR B 457 -16.97 -5.34 -20.94
C TYR B 457 -17.54 -4.03 -20.39
N ILE B 458 -16.92 -3.49 -19.35
CA ILE B 458 -17.38 -2.21 -18.82
C ILE B 458 -17.27 -1.11 -19.88
N LEU B 459 -16.14 -1.05 -20.56
CA LEU B 459 -15.97 -0.03 -21.59
C LEU B 459 -16.97 -0.23 -22.73
N SER B 460 -17.20 -1.47 -23.14
CA SER B 460 -18.14 -1.73 -24.23
C SER B 460 -19.56 -1.32 -23.83
N THR B 461 -19.97 -1.65 -22.60
CA THR B 461 -21.31 -1.30 -22.13
C THR B 461 -21.43 0.18 -21.78
N SER B 462 -20.32 0.91 -21.69
CA SER B 462 -20.39 2.34 -21.46
C SER B 462 -21.31 3.05 -22.46
N THR B 463 -21.50 2.46 -23.65
CA THR B 463 -22.37 3.06 -24.64
C THR B 463 -23.80 3.25 -24.15
N SER B 464 -24.29 2.36 -23.29
CA SER B 464 -25.65 2.47 -22.78
C SER B 464 -25.65 2.86 -21.31
N SER B 465 -24.95 2.08 -20.49
CA SER B 465 -24.87 2.35 -19.06
C SER B 465 -23.89 1.37 -18.43
N PHE B 466 -23.22 1.83 -17.39
CA PHE B 466 -22.28 0.96 -16.67
C PHE B 466 -23.06 -0.13 -15.94
N PRO B 467 -22.70 -1.40 -16.10
CA PRO B 467 -23.50 -2.47 -15.49
C PRO B 467 -23.30 -2.53 -13.98
N VAL B 468 -24.26 -3.19 -13.32
CA VAL B 468 -24.18 -3.43 -11.89
C VAL B 468 -23.25 -4.62 -11.65
N VAL B 469 -21.99 -4.33 -11.37
CA VAL B 469 -20.99 -5.38 -11.24
C VAL B 469 -21.11 -6.02 -9.86
N HIS B 470 -21.24 -7.34 -9.84
CA HIS B 470 -21.28 -8.14 -8.62
C HIS B 470 -20.28 -9.29 -8.75
N GLU B 471 -20.23 -10.13 -7.71
CA GLU B 471 -19.40 -11.32 -7.78
C GLU B 471 -19.79 -12.19 -8.97
N ASP B 472 -21.08 -12.22 -9.30
CA ASP B 472 -21.54 -13.05 -10.40
C ASP B 472 -20.92 -12.62 -11.73
N THR B 473 -20.74 -11.32 -11.95
CA THR B 473 -20.16 -10.86 -13.21
C THR B 473 -18.74 -11.40 -13.39
N ILE B 474 -17.89 -11.25 -12.38
CA ILE B 474 -16.52 -11.71 -12.49
C ILE B 474 -16.48 -13.23 -12.57
N GLU B 475 -17.35 -13.90 -11.82
CA GLU B 475 -17.39 -15.36 -11.88
C GLU B 475 -17.77 -15.83 -13.27
N ALA B 476 -18.76 -15.18 -13.90
CA ALA B 476 -19.16 -15.55 -15.24
C ALA B 476 -18.05 -15.27 -16.24
N ILE B 477 -17.34 -14.15 -16.08
CA ILE B 477 -16.22 -13.86 -16.97
C ILE B 477 -15.17 -14.96 -16.85
N LEU B 478 -14.83 -15.35 -15.62
CA LEU B 478 -13.84 -16.40 -15.41
C LEU B 478 -14.28 -17.71 -16.04
N TYR B 479 -15.55 -18.10 -15.82
CA TYR B 479 -16.03 -19.36 -16.37
C TYR B 479 -16.03 -19.33 -17.90
N LEU B 480 -16.46 -18.22 -18.49
CA LEU B 480 -16.45 -18.11 -19.95
C LEU B 480 -15.03 -18.19 -20.51
N LEU B 481 -14.07 -17.55 -19.84
CA LEU B 481 -12.69 -17.66 -20.28
C LEU B 481 -12.19 -19.10 -20.18
N ASN B 482 -12.49 -19.76 -19.06
CA ASN B 482 -11.98 -21.11 -18.84
C ASN B 482 -12.71 -22.12 -19.73
N LYS B 483 -14.03 -22.05 -19.78
CA LYS B 483 -14.84 -23.02 -20.51
C LYS B 483 -15.48 -22.46 -21.78
N GLY B 484 -15.92 -21.20 -21.75
CA GLY B 484 -16.62 -20.66 -22.90
C GLY B 484 -18.09 -21.07 -22.88
N GLU B 485 -18.59 -21.48 -24.04
CA GLU B 485 -19.99 -21.88 -24.14
C GLU B 485 -20.29 -23.14 -23.34
N ALA B 486 -19.26 -23.92 -22.99
CA ALA B 486 -19.48 -25.16 -22.26
C ALA B 486 -20.02 -24.94 -20.86
N TRP B 487 -19.92 -23.72 -20.32
CA TRP B 487 -20.42 -23.44 -18.99
C TRP B 487 -21.94 -23.57 -18.98
N HIS B 488 -22.48 -24.29 -18.00
CA HIS B 488 -23.92 -24.49 -17.89
C HIS B 488 -24.40 -24.18 -16.48
N PRO B 489 -24.50 -22.90 -16.11
CA PRO B 489 -25.00 -22.57 -14.77
C PRO B 489 -26.45 -22.98 -14.60
N ARG B 490 -26.80 -23.34 -13.35
CA ARG B 490 -28.15 -23.79 -13.05
C ARG B 490 -29.07 -22.64 -12.67
N LYS B 491 -28.61 -21.70 -11.86
CA LYS B 491 -29.45 -20.60 -11.40
C LYS B 491 -29.68 -19.61 -12.53
N GLU B 492 -30.78 -18.86 -12.44
CA GLU B 492 -31.18 -17.99 -13.54
C GLU B 492 -30.27 -16.77 -13.64
N ALA B 493 -29.84 -16.22 -12.51
CA ALA B 493 -29.00 -15.02 -12.55
C ALA B 493 -27.68 -15.29 -13.25
N LYS B 494 -27.02 -16.40 -12.91
CA LYS B 494 -25.76 -16.74 -13.55
C LYS B 494 -25.96 -17.02 -15.03
N LYS B 495 -27.07 -17.66 -15.39
CA LYS B 495 -27.36 -17.92 -16.80
C LYS B 495 -27.55 -16.61 -17.57
N ALA B 496 -28.26 -15.64 -16.98
CA ALA B 496 -28.42 -14.35 -17.62
C ALA B 496 -27.10 -13.64 -17.78
N TRP B 497 -26.25 -13.68 -16.75
CA TRP B 497 -24.92 -13.08 -16.86
C TRP B 497 -24.11 -13.75 -17.96
N ARG B 498 -24.19 -15.08 -18.05
CA ARG B 498 -23.51 -15.80 -19.11
C ARG B 498 -23.98 -15.34 -20.48
N ASP B 499 -25.29 -15.27 -20.67
CA ASP B 499 -25.84 -14.84 -21.96
C ASP B 499 -25.44 -13.41 -22.30
N CYS B 500 -25.36 -12.53 -21.31
CA CYS B 500 -25.01 -11.14 -21.57
C CYS B 500 -23.51 -10.98 -21.84
N LEU B 501 -22.67 -11.84 -21.24
CA LEU B 501 -21.24 -11.64 -21.31
C LEU B 501 -20.58 -12.44 -22.42
N LEU B 502 -21.22 -13.51 -22.90
CA LEU B 502 -20.56 -14.38 -23.88
C LEU B 502 -20.08 -13.63 -25.12
N PRO B 503 -20.89 -12.77 -25.76
CA PRO B 503 -20.39 -12.08 -26.96
C PRO B 503 -19.16 -11.22 -26.68
N TYR B 504 -19.18 -10.43 -25.60
CA TYR B 504 -18.06 -9.57 -25.30
C TYR B 504 -16.82 -10.37 -24.92
N VAL B 505 -17.01 -11.47 -24.18
CA VAL B 505 -15.86 -12.31 -23.82
C VAL B 505 -15.25 -12.91 -25.07
N GLN B 506 -16.08 -13.39 -26.00
CA GLN B 506 -15.55 -13.95 -27.24
C GLN B 506 -14.82 -12.88 -28.04
N ARG B 507 -15.37 -11.67 -28.09
CA ARG B 507 -14.71 -10.58 -28.82
C ARG B 507 -13.36 -10.25 -28.20
N TYR B 508 -13.29 -10.21 -26.87
CA TYR B 508 -12.02 -9.95 -26.19
C TYR B 508 -11.02 -11.06 -26.47
N CYS B 509 -11.48 -12.31 -26.46
CA CYS B 509 -10.59 -13.43 -26.77
C CYS B 509 -10.05 -13.32 -28.19
N GLN B 510 -10.91 -12.94 -29.13
CA GLN B 510 -10.45 -12.72 -30.51
C GLN B 510 -9.42 -11.60 -30.57
N ILE B 511 -9.65 -10.51 -29.84
CA ILE B 511 -8.72 -9.38 -29.84
C ILE B 511 -7.35 -9.82 -29.30
N VAL B 512 -7.36 -10.56 -28.18
CA VAL B 512 -6.12 -10.96 -27.52
C VAL B 512 -5.67 -12.36 -27.92
N GLY B 513 -6.44 -13.08 -28.72
CA GLY B 513 -6.06 -14.42 -29.12
C GLY B 513 -6.02 -15.42 -27.99
N PHE B 514 -6.85 -15.22 -26.96
CA PHE B 514 -6.85 -16.12 -25.81
C PHE B 514 -7.39 -17.49 -26.22
N ILE B 515 -6.77 -18.55 -25.69
CA ILE B 515 -7.18 -19.92 -25.93
C ILE B 515 -7.69 -20.49 -24.62
N HIS B 516 -8.89 -21.08 -24.66
CA HIS B 516 -9.52 -21.57 -23.45
C HIS B 516 -8.70 -22.71 -22.84
N PRO B 517 -8.31 -22.61 -21.56
CA PRO B 517 -7.56 -23.71 -20.94
C PRO B 517 -8.40 -24.92 -20.61
N ASN B 518 -9.71 -24.75 -20.40
CA ASN B 518 -10.60 -25.86 -20.06
C ASN B 518 -10.10 -26.60 -18.82
N LEU B 519 -9.71 -25.85 -17.80
CA LEU B 519 -9.22 -26.43 -16.56
C LEU B 519 -10.36 -27.09 -15.80
N ARG B 520 -10.12 -28.30 -15.30
CA ARG B 520 -11.12 -29.00 -14.50
C ARG B 520 -11.00 -28.62 -13.04
N GLY B 521 -12.09 -28.79 -12.30
CA GLY B 521 -12.08 -28.53 -10.88
C GLY B 521 -11.66 -27.12 -10.51
N GLU B 522 -12.21 -26.11 -11.17
CA GLU B 522 -11.78 -24.74 -10.96
C GLU B 522 -12.60 -24.02 -9.89
N GLN B 523 -13.54 -24.71 -9.24
CA GLN B 523 -14.48 -24.02 -8.36
C GLN B 523 -13.76 -23.21 -7.29
N GLN B 524 -12.82 -23.83 -6.57
CA GLN B 524 -12.17 -23.15 -5.47
C GLN B 524 -11.37 -21.94 -5.96
N SER B 525 -10.57 -22.13 -7.00
CA SER B 525 -9.75 -21.03 -7.52
C SER B 525 -10.62 -19.91 -8.09
N ILE B 526 -11.69 -20.26 -8.80
CA ILE B 526 -12.57 -19.24 -9.34
C ILE B 526 -13.22 -18.44 -8.22
N ASN B 527 -13.67 -19.12 -7.17
CA ASN B 527 -14.27 -18.41 -6.03
C ASN B 527 -13.26 -17.47 -5.40
N TYR B 528 -12.04 -17.95 -5.17
CA TYR B 528 -11.02 -17.11 -4.56
C TYR B 528 -10.73 -15.89 -5.42
N LEU B 529 -10.57 -16.09 -6.72
CA LEU B 529 -10.26 -14.97 -7.61
C LEU B 529 -11.40 -13.97 -7.67
N THR B 530 -12.64 -14.45 -7.71
CA THR B 530 -13.78 -13.55 -7.74
C THR B 530 -13.84 -12.72 -6.47
N VAL B 531 -13.64 -13.36 -5.32
CA VAL B 531 -13.67 -12.63 -4.05
C VAL B 531 -12.56 -11.59 -4.02
N SER B 532 -11.35 -11.97 -4.45
CA SER B 532 -10.22 -11.04 -4.43
C SER B 532 -10.47 -9.84 -5.33
N MET B 533 -11.00 -10.09 -6.53
CA MET B 533 -11.23 -8.99 -7.47
C MET B 533 -12.33 -8.06 -6.97
N MET B 534 -13.41 -8.61 -6.42
CA MET B 534 -14.44 -7.74 -5.84
C MET B 534 -13.90 -6.95 -4.68
N THR B 535 -13.05 -7.57 -3.84
CA THR B 535 -12.43 -6.84 -2.74
C THR B 535 -11.57 -5.70 -3.27
N ASN B 536 -10.80 -5.94 -4.32
CA ASN B 536 -9.97 -4.89 -4.89
C ASN B 536 -10.81 -3.75 -5.41
N LEU B 537 -11.89 -4.06 -6.13
CA LEU B 537 -12.78 -3.01 -6.63
C LEU B 537 -13.35 -2.18 -5.49
N LYS B 538 -13.88 -2.86 -4.47
CA LYS B 538 -14.48 -2.15 -3.35
C LYS B 538 -13.46 -1.25 -2.66
N VAL B 539 -12.28 -1.80 -2.37
CA VAL B 539 -11.27 -1.02 -1.65
C VAL B 539 -10.85 0.19 -2.47
N ASN B 540 -10.56 -0.01 -3.77
CA ASN B 540 -10.12 1.11 -4.59
C ASN B 540 -11.17 2.22 -4.61
N VAL B 541 -12.41 1.86 -4.94
CA VAL B 541 -13.45 2.87 -5.05
C VAL B 541 -13.63 3.58 -3.71
N GLN B 542 -13.83 2.80 -2.64
CA GLN B 542 -14.08 3.38 -1.33
C GLN B 542 -12.97 4.34 -0.93
N GLU B 543 -11.72 3.94 -1.13
CA GLU B 543 -10.60 4.72 -0.63
C GLU B 543 -10.33 5.96 -1.46
N HIS B 544 -10.54 5.92 -2.78
CA HIS B 544 -10.03 6.98 -3.63
C HIS B 544 -11.07 7.73 -4.45
N PHE B 545 -12.36 7.38 -4.36
CA PHE B 545 -13.37 8.16 -5.10
C PHE B 545 -13.37 9.61 -4.64
N MET B 546 -13.42 9.83 -3.32
CA MET B 546 -13.42 11.19 -2.80
C MET B 546 -12.14 11.92 -3.15
N GLN B 547 -10.99 11.23 -3.04
CA GLN B 547 -9.72 11.86 -3.36
C GLN B 547 -9.69 12.34 -4.80
N MET B 548 -10.08 11.47 -5.74
CA MET B 548 -10.07 11.86 -7.14
C MET B 548 -11.09 12.94 -7.45
N LEU B 549 -12.27 12.91 -6.82
CA LEU B 549 -13.26 13.95 -7.05
C LEU B 549 -12.74 15.31 -6.60
N LEU B 550 -12.18 15.36 -5.39
CA LEU B 550 -11.63 16.62 -4.89
C LEU B 550 -10.44 17.08 -5.73
N ARG B 551 -9.61 16.13 -6.18
CA ARG B 551 -8.50 16.47 -7.05
C ARG B 551 -8.97 17.08 -8.36
N TYR B 552 -10.03 16.51 -8.95
CA TYR B 552 -10.59 17.10 -10.17
C TYR B 552 -11.14 18.49 -9.90
N ILE B 553 -11.83 18.66 -8.78
CA ILE B 553 -12.37 19.98 -8.44
C ILE B 553 -11.24 21.00 -8.34
N ASN B 554 -10.16 20.64 -7.66
CA ASN B 554 -9.03 21.55 -7.53
C ASN B 554 -8.41 21.84 -8.88
N LEU B 555 -8.24 20.80 -9.72
CA LEU B 555 -7.59 20.99 -11.02
C LEU B 555 -8.39 21.91 -11.92
N ARG B 556 -9.72 21.77 -11.93
CA ARG B 556 -10.53 22.59 -12.83
C ARG B 556 -10.39 24.07 -12.52
N PHE B 557 -10.35 24.43 -11.23
CA PHE B 557 -10.22 25.82 -10.82
C PHE B 557 -8.78 26.30 -10.81
N ASP B 558 -7.83 25.46 -11.21
CA ASP B 558 -6.41 25.84 -11.27
C ASP B 558 -5.90 26.29 -9.90
N VAL B 559 -6.33 25.61 -8.84
CA VAL B 559 -5.89 25.97 -7.50
C VAL B 559 -4.37 25.92 -7.39
N LYS B 560 -3.74 25.03 -8.18
CA LYS B 560 -2.28 24.96 -8.17
C LYS B 560 -1.66 26.27 -8.66
N GLY B 561 -2.22 26.85 -9.72
CA GLY B 561 -1.69 28.07 -10.28
C GLY B 561 -2.26 29.33 -9.65
N GLN B 562 -3.41 29.21 -8.98
CA GLN B 562 -4.03 30.37 -8.37
C GLN B 562 -3.15 30.97 -7.28
N LYS B 563 -2.35 30.12 -6.60
CA LYS B 563 -1.40 30.64 -5.61
C LYS B 563 -0.38 31.58 -6.23
N GLN B 564 0.13 31.25 -7.41
CA GLN B 564 1.08 32.11 -8.11
C GLN B 564 0.39 33.32 -8.73
N ARG B 565 -0.82 33.14 -9.24
CA ARG B 565 -1.52 34.26 -9.88
C ARG B 565 -1.80 35.38 -8.89
N LEU B 566 -2.24 35.02 -7.66
CA LEU B 566 -2.58 36.02 -6.65
C LEU B 566 -1.42 36.19 -5.69
N PRO B 567 -1.21 37.38 -5.12
CA PRO B 567 -0.13 37.55 -4.14
C PRO B 567 -0.37 36.71 -2.90
N PRO B 568 0.57 35.84 -2.54
CA PRO B 568 0.32 34.92 -1.42
C PRO B 568 0.27 35.66 -0.09
N LYS B 569 -0.45 35.05 0.85
CA LYS B 569 -0.56 35.54 2.22
C LYS B 569 -1.08 36.98 2.24
N SER B 570 -2.26 37.16 1.68
CA SER B 570 -2.95 38.44 1.68
C SER B 570 -4.44 38.22 1.91
N ASP B 571 -5.01 39.00 2.82
CA ASP B 571 -6.43 38.82 3.15
C ASP B 571 -7.32 39.06 1.94
N ALA B 572 -7.03 40.11 1.17
CA ALA B 572 -7.87 40.44 0.02
C ALA B 572 -7.95 39.29 -0.98
N ARG B 573 -6.92 38.45 -1.07
CA ARG B 573 -6.91 37.33 -1.99
C ARG B 573 -7.42 36.03 -1.36
N LYS B 574 -7.78 36.05 -0.08
CA LYS B 574 -8.34 34.86 0.55
C LYS B 574 -9.76 34.55 0.07
N ALA B 575 -10.38 35.46 -0.68
CA ALA B 575 -11.75 35.23 -1.12
C ALA B 575 -11.86 33.96 -1.96
N PHE B 576 -11.02 33.83 -2.99
CA PHE B 576 -11.11 32.68 -3.86
C PHE B 576 -10.96 31.38 -3.07
N PHE B 577 -9.90 31.27 -2.28
CA PHE B 577 -9.68 30.07 -1.49
C PHE B 577 -10.81 29.83 -0.50
N THR B 578 -11.55 30.87 -0.13
CA THR B 578 -12.78 30.70 0.63
C THR B 578 -13.95 30.32 -0.27
N ARG B 579 -14.08 30.99 -1.42
CA ARG B 579 -15.11 30.64 -2.38
C ARG B 579 -15.07 29.15 -2.70
N LEU B 580 -13.88 28.64 -3.02
CA LEU B 580 -13.73 27.21 -3.28
C LEU B 580 -14.31 26.39 -2.15
N ARG B 581 -13.95 26.73 -0.90
CA ARG B 581 -14.43 25.95 0.23
C ARG B 581 -15.96 25.87 0.24
N TYR B 582 -16.62 26.94 -0.18
CA TYR B 582 -18.09 26.89 -0.26
C TYR B 582 -18.54 26.03 -1.43
N LEU B 583 -17.92 26.21 -2.60
CA LEU B 583 -18.36 25.49 -3.80
C LEU B 583 -18.35 23.99 -3.56
N LYS B 584 -17.27 23.48 -2.99
CA LYS B 584 -17.20 22.05 -2.70
C LYS B 584 -18.39 21.59 -1.87
N SER B 585 -18.74 22.37 -0.84
CA SER B 585 -19.87 21.99 0.00
C SER B 585 -21.15 21.85 -0.82
N VAL B 586 -21.33 22.70 -1.83
CA VAL B 586 -22.48 22.55 -2.73
C VAL B 586 -22.29 21.33 -3.62
N PHE B 587 -21.07 21.12 -4.13
CA PHE B 587 -20.83 20.02 -5.04
C PHE B 587 -20.95 18.67 -4.35
N LEU B 588 -20.51 18.58 -3.09
CA LEU B 588 -20.56 17.34 -2.35
C LEU B 588 -21.92 17.08 -1.71
N PHE B 589 -22.89 17.99 -1.90
CA PHE B 589 -24.20 17.88 -1.27
C PHE B 589 -24.10 17.90 0.25
N ASP B 590 -22.98 18.41 0.76
CA ASP B 590 -22.83 18.55 2.20
C ASP B 590 -23.78 19.59 2.76
N VAL B 591 -23.93 20.72 2.06
CA VAL B 591 -24.82 21.80 2.47
C VAL B 591 -25.73 22.13 1.29
N VAL B 592 -27.03 22.22 1.56
CA VAL B 592 -27.99 22.54 0.51
C VAL B 592 -27.84 24.03 0.17
N PRO B 593 -27.52 24.38 -1.08
CA PRO B 593 -27.32 25.79 -1.41
C PRO B 593 -28.64 26.56 -1.43
N GLU B 594 -28.57 27.85 -1.09
CA GLU B 594 -29.72 28.72 -1.25
C GLU B 594 -29.92 29.05 -2.72
N LEU B 595 -31.18 29.25 -3.11
CA LEU B 595 -31.49 29.46 -4.52
C LEU B 595 -30.78 30.68 -5.08
N GLU B 596 -30.65 31.74 -4.29
CA GLU B 596 -29.98 32.95 -4.77
C GLU B 596 -28.52 32.68 -5.13
N PHE B 597 -27.85 31.77 -4.44
CA PHE B 597 -26.45 31.48 -4.73
C PHE B 597 -26.29 30.83 -6.11
N LEU B 598 -27.31 30.12 -6.58
CA LEU B 598 -27.19 29.41 -7.85
C LEU B 598 -26.95 30.36 -9.01
N ASP B 599 -27.45 31.60 -8.92
CA ASP B 599 -27.29 32.57 -9.99
C ASP B 599 -25.98 33.35 -9.90
N ASP B 600 -25.20 33.15 -8.84
CA ASP B 600 -23.94 33.86 -8.66
C ASP B 600 -22.73 33.10 -9.21
N LEU B 601 -22.95 31.93 -9.79
CA LEU B 601 -21.84 31.13 -10.29
C LEU B 601 -21.26 31.72 -11.55
N THR B 602 -19.93 31.79 -11.62
CA THR B 602 -19.25 32.21 -12.83
C THR B 602 -19.28 31.07 -13.85
N PRO B 603 -19.02 31.38 -15.13
CA PRO B 603 -19.11 30.33 -16.15
C PRO B 603 -18.28 29.09 -15.84
N LEU B 604 -17.06 29.26 -15.31
CA LEU B 604 -16.27 28.10 -14.93
C LEU B 604 -16.93 27.32 -13.80
N GLU B 605 -17.44 28.04 -12.79
CA GLU B 605 -18.14 27.37 -11.69
C GLU B 605 -19.38 26.65 -12.18
N SER B 606 -20.14 27.27 -13.09
CA SER B 606 -21.31 26.61 -13.64
C SER B 606 -20.92 25.35 -14.42
N GLU B 607 -19.85 25.42 -15.20
CA GLU B 607 -19.40 24.25 -15.95
C GLU B 607 -18.99 23.13 -15.00
N VAL B 608 -18.27 23.47 -13.94
CA VAL B 608 -17.86 22.45 -12.97
C VAL B 608 -19.09 21.84 -12.29
N LEU B 609 -20.07 22.68 -11.96
CA LEU B 609 -21.29 22.17 -11.32
C LEU B 609 -22.03 21.22 -12.26
N GLU B 610 -22.13 21.58 -13.54
CA GLU B 610 -22.78 20.69 -14.49
C GLU B 610 -22.03 19.38 -14.65
N GLU B 611 -20.70 19.45 -14.70
CA GLU B 611 -19.90 18.23 -14.82
C GLU B 611 -20.09 17.32 -13.61
N ILE B 612 -20.14 17.90 -12.42
CA ILE B 612 -20.33 17.10 -11.22
C ILE B 612 -21.74 16.53 -11.18
N TRP B 613 -22.73 17.30 -11.64
CA TRP B 613 -24.09 16.78 -11.74
C TRP B 613 -24.17 15.59 -12.68
N SER B 614 -23.45 15.65 -13.80
CA SER B 614 -23.49 14.56 -14.78
C SER B 614 -23.00 13.24 -14.21
N LEU B 615 -22.26 13.25 -13.09
CA LEU B 615 -21.76 12.03 -12.50
C LEU B 615 -22.84 11.20 -11.83
N ASP B 616 -24.01 11.78 -11.55
CA ASP B 616 -25.11 11.07 -10.88
C ASP B 616 -24.66 10.46 -9.56
N LEU B 617 -23.96 11.25 -8.74
CA LEU B 617 -23.43 10.75 -7.48
C LEU B 617 -24.59 10.39 -6.54
N PRO B 618 -24.57 9.21 -5.92
CA PRO B 618 -25.57 8.90 -4.90
C PRO B 618 -25.53 9.90 -3.76
N PHE B 619 -26.56 9.84 -2.91
CA PHE B 619 -26.69 10.78 -1.82
C PHE B 619 -27.51 10.15 -0.70
N LEU B 620 -27.20 10.56 0.53
CA LEU B 620 -27.96 10.17 1.71
C LEU B 620 -28.37 11.42 2.47
N PRO B 621 -29.64 11.53 2.88
CA PRO B 621 -30.08 12.74 3.58
C PRO B 621 -29.65 12.77 5.04
N ASN B 622 -29.59 11.60 5.68
CA ASN B 622 -29.33 11.54 7.11
C ASN B 622 -27.85 11.64 7.43
N ASP B 623 -26.98 11.23 6.52
CA ASP B 623 -25.55 11.20 6.77
C ASP B 623 -24.82 11.84 5.60
N PRO B 624 -23.58 12.31 5.82
CA PRO B 624 -22.85 12.97 4.74
C PRO B 624 -22.51 12.01 3.60
N LEU B 625 -21.88 12.58 2.56
CA LEU B 625 -21.43 11.77 1.43
C LEU B 625 -20.36 10.78 1.85
N ALA B 626 -19.46 11.20 2.76
CA ALA B 626 -18.40 10.30 3.20
C ALA B 626 -18.96 9.05 3.86
N TYR B 627 -20.00 9.20 4.69
CA TYR B 627 -20.64 8.04 5.29
C TYR B 627 -21.33 7.18 4.24
N ALA B 628 -21.92 7.81 3.22
CA ALA B 628 -22.56 7.07 2.16
C ALA B 628 -21.56 6.20 1.41
N ILE B 629 -20.36 6.74 1.15
CA ILE B 629 -19.34 5.97 0.45
C ILE B 629 -18.99 4.71 1.23
N VAL B 630 -18.81 4.83 2.55
CA VAL B 630 -18.47 3.68 3.36
C VAL B 630 -19.63 2.70 3.44
N ALA B 631 -20.86 3.21 3.51
CA ALA B 631 -22.01 2.32 3.67
C ALA B 631 -22.15 1.34 2.51
N ASP B 632 -22.00 1.84 1.28
CA ASP B 632 -22.14 1.00 0.09
C ASP B 632 -21.21 1.54 -1.00
N PRO B 633 -19.90 1.30 -0.85
CA PRO B 633 -18.96 1.90 -1.80
C PRO B 633 -19.18 1.49 -3.25
N MET B 634 -19.58 0.23 -3.49
CA MET B 634 -19.72 -0.25 -4.86
C MET B 634 -20.76 0.54 -5.64
N SER B 635 -21.77 1.09 -4.96
CA SER B 635 -22.77 1.89 -5.65
C SER B 635 -22.17 3.11 -6.33
N PHE B 636 -20.99 3.55 -5.88
CA PHE B 636 -20.32 4.69 -6.50
C PHE B 636 -19.43 4.30 -7.67
N PHE B 637 -19.32 3.00 -7.96
CA PHE B 637 -18.45 2.58 -9.06
C PHE B 637 -18.87 3.18 -10.40
N PRO B 638 -20.14 3.20 -10.79
CA PRO B 638 -20.50 3.80 -12.09
C PRO B 638 -20.06 5.25 -12.21
N ALA B 639 -20.17 6.03 -11.14
CA ALA B 639 -19.74 7.42 -11.19
C ALA B 639 -18.21 7.52 -11.27
N TYR B 640 -17.51 6.72 -10.47
CA TYR B 640 -16.06 6.77 -10.46
C TYR B 640 -15.49 6.64 -11.87
N CYS B 641 -15.93 5.62 -12.61
CA CYS B 641 -15.50 5.46 -14.00
C CYS B 641 -15.75 6.74 -14.78
N LYS B 642 -16.97 7.28 -14.69
CA LYS B 642 -17.29 8.53 -15.37
C LYS B 642 -16.26 9.60 -15.01
N LEU B 643 -15.93 9.71 -13.72
CA LEU B 643 -14.96 10.72 -13.31
C LEU B 643 -13.65 10.55 -14.07
N SER B 644 -13.16 9.31 -14.18
CA SER B 644 -11.95 9.07 -14.95
C SER B 644 -12.08 9.65 -16.35
N GLY B 645 -13.20 9.39 -17.03
CA GLY B 645 -13.37 9.95 -18.35
C GLY B 645 -13.20 11.45 -18.37
N LEU B 646 -13.76 12.14 -17.38
CA LEU B 646 -13.60 13.59 -17.31
C LEU B 646 -12.13 13.96 -17.34
N TYR B 647 -11.30 13.27 -16.56
CA TYR B 647 -9.87 13.53 -16.60
C TYR B 647 -9.35 13.41 -18.03
N GLU B 648 -9.67 12.30 -18.69
CA GLU B 648 -9.17 12.09 -20.05
C GLU B 648 -9.66 13.17 -20.99
N GLN B 649 -10.78 13.82 -20.67
CA GLN B 649 -11.27 14.91 -21.52
C GLN B 649 -10.38 16.14 -21.40
N TYR B 650 -9.88 16.42 -20.20
CA TYR B 650 -9.08 17.62 -19.98
C TYR B 650 -7.58 17.37 -19.94
N GLY B 651 -7.15 16.13 -20.16
CA GLY B 651 -5.73 15.84 -20.20
C GLY B 651 -5.05 15.76 -18.85
N PHE B 652 -5.80 15.76 -17.76
CA PHE B 652 -5.21 15.64 -16.44
C PHE B 652 -4.62 14.25 -16.24
N GLN B 653 -3.74 14.13 -15.25
CA GLN B 653 -3.13 12.85 -14.94
C GLN B 653 -4.21 11.83 -14.58
N ARG B 654 -4.24 10.73 -15.32
CA ARG B 654 -5.29 9.74 -15.16
C ARG B 654 -5.00 8.81 -13.98
N PHE B 655 -6.00 8.02 -13.62
CA PHE B 655 -5.91 7.08 -12.52
C PHE B 655 -6.52 5.76 -12.94
N SER B 656 -6.10 4.69 -12.27
CA SER B 656 -6.57 3.33 -12.57
C SER B 656 -7.95 3.16 -11.94
N ALA B 657 -8.98 3.37 -12.78
CA ALA B 657 -10.35 3.22 -12.28
C ALA B 657 -10.69 1.75 -12.02
N ILE B 658 -10.29 0.87 -12.92
CA ILE B 658 -10.53 -0.57 -12.80
C ILE B 658 -9.21 -1.24 -12.41
N PRO B 659 -9.16 -2.03 -11.34
CA PRO B 659 -7.88 -2.61 -10.91
C PRO B 659 -7.42 -3.76 -11.79
N LEU B 660 -6.75 -3.45 -12.90
CA LEU B 660 -6.23 -4.48 -13.78
C LEU B 660 -5.12 -5.27 -13.09
N ARG B 661 -5.09 -6.57 -13.33
CA ARG B 661 -4.07 -7.46 -12.79
C ARG B 661 -3.08 -7.76 -13.91
N ARG B 662 -2.08 -6.88 -14.04
CA ARG B 662 -1.21 -6.86 -15.21
C ARG B 662 0.11 -7.59 -15.01
N SER B 663 0.58 -7.73 -13.77
CA SER B 663 1.91 -8.28 -13.54
C SER B 663 2.05 -9.67 -14.16
N LEU B 664 3.16 -9.89 -14.85
CA LEU B 664 3.46 -11.18 -15.46
C LEU B 664 4.21 -12.11 -14.51
N ILE B 665 4.78 -11.59 -13.42
CA ILE B 665 5.46 -12.44 -12.46
C ILE B 665 4.46 -13.35 -11.78
N GLN B 666 4.87 -14.59 -11.51
CA GLN B 666 3.97 -15.57 -10.91
C GLN B 666 3.45 -15.06 -9.57
N SER B 667 2.15 -14.77 -9.51
CA SER B 667 1.55 -14.32 -8.26
C SER B 667 1.23 -15.52 -7.37
N HIS B 668 1.22 -15.27 -6.06
CA HIS B 668 0.89 -16.33 -5.11
C HIS B 668 -0.52 -16.84 -5.37
N VAL B 669 -0.67 -18.17 -5.38
CA VAL B 669 -1.95 -18.84 -5.59
C VAL B 669 -2.29 -19.62 -4.34
N ARG B 670 -3.55 -19.54 -3.92
CA ARG B 670 -4.00 -20.25 -2.73
C ARG B 670 -4.14 -21.74 -3.03
N ILE B 671 -3.76 -22.57 -2.06
CA ILE B 671 -3.92 -24.01 -2.12
C ILE B 671 -4.49 -24.47 -0.80
N ASP B 672 -5.66 -25.09 -0.85
CA ASP B 672 -6.35 -25.65 0.30
C ASP B 672 -6.43 -27.17 0.15
N THR B 673 -7.16 -27.80 1.07
CA THR B 673 -7.27 -29.25 1.05
C THR B 673 -7.92 -29.73 -0.24
N ILE B 674 -8.87 -28.97 -0.78
CA ILE B 674 -9.58 -29.40 -1.99
C ILE B 674 -8.64 -29.43 -3.19
N ILE B 675 -7.69 -28.50 -3.27
CA ILE B 675 -6.80 -28.47 -4.42
C ILE B 675 -5.87 -29.68 -4.43
N LEU B 676 -5.37 -30.09 -3.26
CA LEU B 676 -4.64 -31.35 -3.18
C LEU B 676 -5.57 -32.52 -3.49
N TYR B 677 -6.76 -32.50 -2.92
CA TYR B 677 -7.84 -33.42 -3.25
C TYR B 677 -7.88 -33.73 -4.74
N GLN B 678 -7.97 -32.69 -5.55
CA GLN B 678 -8.32 -32.85 -6.97
C GLN B 678 -7.09 -32.85 -7.89
N HIS B 679 -6.25 -31.83 -7.80
CA HIS B 679 -5.20 -31.59 -8.79
C HIS B 679 -3.87 -32.26 -8.45
N ILE B 680 -3.39 -32.13 -7.22
CA ILE B 680 -2.05 -32.59 -6.86
C ILE B 680 -2.01 -34.09 -6.62
N LEU B 681 -2.77 -34.58 -5.64
CA LEU B 681 -2.81 -36.01 -5.38
C LEU B 681 -3.65 -36.76 -6.41
N CYS B 682 -4.58 -36.09 -7.08
CA CYS B 682 -5.40 -36.71 -8.12
C CYS B 682 -6.17 -37.91 -7.58
N ILE B 683 -6.49 -37.88 -6.29
CA ILE B 683 -7.27 -38.96 -5.67
C ILE B 683 -8.75 -38.61 -5.73
N THR B 684 -9.58 -39.64 -5.87
CA THR B 684 -11.02 -39.44 -5.96
C THR B 684 -11.56 -38.89 -4.65
N ARG B 685 -12.68 -38.16 -4.74
CA ARG B 685 -13.28 -37.57 -3.55
C ARG B 685 -13.70 -38.64 -2.56
N ARG B 686 -14.28 -39.73 -3.05
CA ARG B 686 -14.75 -40.79 -2.15
C ARG B 686 -13.59 -41.38 -1.35
N ASP B 687 -12.46 -41.66 -2.01
CA ASP B 687 -11.30 -42.20 -1.31
C ASP B 687 -10.72 -41.17 -0.34
N ALA B 688 -10.68 -39.91 -0.76
CA ALA B 688 -10.05 -38.88 0.06
C ALA B 688 -10.86 -38.60 1.32
N GLU B 689 -12.18 -38.75 1.25
CA GLU B 689 -13.01 -38.53 2.43
C GLU B 689 -12.72 -39.53 3.55
N THR B 690 -12.05 -40.64 3.26
CA THR B 690 -11.78 -41.65 4.27
C THR B 690 -10.47 -41.43 5.00
N VAL B 691 -9.77 -40.33 4.73
CA VAL B 691 -8.46 -40.06 5.32
C VAL B 691 -8.54 -38.74 6.09
N GLU B 692 -7.88 -38.70 7.24
CA GLU B 692 -7.84 -37.48 8.04
C GLU B 692 -7.09 -36.39 7.29
N LYS B 693 -7.46 -35.13 7.57
CA LYS B 693 -6.85 -34.01 6.89
C LYS B 693 -5.35 -33.94 7.16
N ASP B 694 -4.95 -34.15 8.41
CA ASP B 694 -3.54 -34.03 8.77
C ASP B 694 -2.69 -35.04 8.01
N ASP B 695 -3.13 -36.30 7.96
CA ASP B 695 -2.37 -37.31 7.23
C ASP B 695 -2.33 -37.00 5.74
N LEU B 696 -3.46 -36.58 5.18
CA LEU B 696 -3.51 -36.26 3.76
C LEU B 696 -2.52 -35.15 3.43
N TRP B 697 -2.45 -34.13 4.28
CA TRP B 697 -1.47 -33.06 4.05
C TRP B 697 -0.04 -33.57 4.25
N MET B 698 0.16 -34.45 5.23
CA MET B 698 1.49 -35.02 5.44
C MET B 698 1.96 -35.84 4.25
N ARG B 699 1.05 -36.37 3.45
CA ARG B 699 1.45 -37.14 2.27
C ARG B 699 2.23 -36.30 1.26
N VAL B 700 2.11 -34.97 1.31
CA VAL B 700 2.79 -34.11 0.34
C VAL B 700 3.61 -33.05 1.05
N CYS B 701 3.27 -32.75 2.29
CA CYS B 701 3.92 -31.67 3.06
C CYS B 701 4.59 -32.24 4.30
N ASN B 702 5.76 -31.67 4.63
CA ASN B 702 6.50 -32.05 5.84
C ASN B 702 5.98 -31.20 6.99
N LEU B 703 4.84 -31.62 7.56
CA LEU B 703 4.23 -30.87 8.64
C LEU B 703 5.09 -30.86 9.90
N CYS B 704 6.09 -31.73 10.00
CA CYS B 704 7.02 -31.69 11.13
C CYS B 704 7.97 -30.51 11.05
N THR B 705 7.99 -29.78 9.94
CA THR B 705 8.87 -28.63 9.80
C THR B 705 8.46 -27.52 10.76
N LYS B 706 9.41 -26.65 11.09
CA LYS B 706 9.19 -25.57 12.04
C LYS B 706 8.02 -24.69 11.63
N ALA B 707 7.87 -24.43 10.34
CA ALA B 707 6.85 -23.49 9.87
C ALA B 707 5.44 -23.94 10.20
N PHE B 708 5.22 -25.24 10.37
CA PHE B 708 3.88 -25.78 10.60
C PHE B 708 3.54 -25.96 12.07
N ARG B 709 4.43 -25.56 12.98
CA ARG B 709 4.15 -25.72 14.40
C ARG B 709 3.10 -24.72 14.85
N SER B 710 2.37 -25.11 15.90
CA SER B 710 1.32 -24.26 16.45
C SER B 710 1.91 -23.09 17.23
N ARG B 711 1.26 -21.94 17.13
CA ARG B 711 1.65 -20.75 17.88
C ARG B 711 0.41 -20.08 18.44
N CYS B 712 0.44 -19.79 19.74
CA CYS B 712 -0.66 -19.11 20.43
C CYS B 712 -1.99 -19.82 20.17
N GLY B 713 -1.95 -21.16 20.18
CA GLY B 713 -3.14 -21.96 20.01
C GLY B 713 -3.63 -22.11 18.59
N MET B 714 -2.93 -21.55 17.61
CA MET B 714 -3.33 -21.68 16.22
C MET B 714 -2.74 -22.95 15.62
N HIS B 715 -3.37 -23.42 14.54
CA HIS B 715 -2.98 -24.67 13.90
C HIS B 715 -2.98 -24.51 12.39
N PHE B 716 -2.32 -25.45 11.73
CA PHE B 716 -2.18 -25.38 10.27
C PHE B 716 -3.53 -25.35 9.58
N GLU B 717 -4.32 -26.41 9.73
CA GLU B 717 -5.67 -26.48 9.18
C GLU B 717 -5.66 -26.41 7.65
N GLY B 718 -4.58 -26.85 7.02
CA GLY B 718 -4.56 -27.04 5.58
C GLY B 718 -4.86 -25.79 4.76
N SER B 719 -3.94 -24.83 4.74
CA SER B 719 -4.09 -23.64 3.91
C SER B 719 -2.73 -23.04 3.66
N ILE B 720 -2.34 -22.92 2.39
CA ILE B 720 -1.08 -22.31 2.02
C ILE B 720 -1.28 -21.43 0.80
N THR B 721 -0.28 -20.60 0.51
CA THR B 721 -0.21 -19.86 -0.73
C THR B 721 1.19 -20.01 -1.30
N THR B 722 1.28 -20.38 -2.58
CA THR B 722 2.56 -20.72 -3.19
C THR B 722 2.71 -19.97 -4.52
N ASP B 723 3.95 -19.56 -4.80
CA ASP B 723 4.29 -18.89 -6.04
C ASP B 723 5.45 -19.55 -6.77
N GLY B 724 5.90 -20.72 -6.33
CA GLY B 724 7.00 -21.42 -6.96
C GLY B 724 8.33 -21.29 -6.26
N ALA B 725 8.49 -20.31 -5.38
CA ALA B 725 9.74 -20.13 -4.63
C ALA B 725 9.54 -20.02 -3.14
N SER B 726 8.41 -19.50 -2.67
CA SER B 726 8.11 -19.38 -1.26
C SER B 726 6.70 -19.87 -0.99
N VAL B 727 6.51 -20.46 0.19
CA VAL B 727 5.21 -20.99 0.61
C VAL B 727 4.82 -20.30 1.90
N SER B 728 3.67 -19.62 1.89
CA SER B 728 3.14 -18.99 3.09
C SER B 728 2.05 -19.89 3.66
N VAL B 729 2.33 -20.49 4.81
CA VAL B 729 1.40 -21.40 5.48
C VAL B 729 0.58 -20.59 6.46
N TYR B 730 -0.74 -20.71 6.38
CA TYR B 730 -1.63 -19.94 7.25
C TYR B 730 -2.07 -20.77 8.44
N LEU B 731 -1.84 -20.22 9.64
CA LEU B 731 -2.30 -20.82 10.88
C LEU B 731 -3.63 -20.18 11.27
N LYS B 732 -4.63 -21.02 11.50
CA LYS B 732 -6.01 -20.59 11.72
C LYS B 732 -6.45 -21.01 13.11
N HIS B 733 -6.94 -20.04 13.88
CA HIS B 733 -7.41 -20.32 15.23
C HIS B 733 -8.69 -21.16 15.18
N PRO B 734 -8.91 -22.06 16.14
CA PRO B 734 -10.15 -22.86 16.12
C PRO B 734 -11.41 -22.01 16.15
N GLU B 735 -11.37 -20.84 16.78
CA GLU B 735 -12.54 -20.00 16.93
C GLU B 735 -12.76 -19.08 15.73
N ALA B 736 -12.19 -19.41 14.57
CA ALA B 736 -12.35 -18.59 13.39
C ALA B 736 -13.83 -18.49 13.00
N ASP B 737 -14.12 -17.57 12.08
CA ASP B 737 -15.50 -17.35 11.67
C ASP B 737 -16.09 -18.60 11.04
N LYS B 738 -15.33 -19.26 10.16
CA LYS B 738 -15.81 -20.46 9.47
C LYS B 738 -17.12 -20.20 8.73
N TYR B 739 -17.27 -18.97 8.22
CA TYR B 739 -18.49 -18.58 7.52
C TYR B 739 -19.73 -18.87 8.37
N LYS B 756 -6.27 9.17 21.13
CA LYS B 756 -4.83 9.22 21.36
C LYS B 756 -4.40 8.14 22.35
N ALA B 757 -4.85 6.91 22.11
CA ALA B 757 -4.48 5.81 23.01
C ALA B 757 -3.01 5.48 22.91
N LEU B 758 -2.40 5.67 21.74
CA LEU B 758 -1.00 5.31 21.53
C LEU B 758 -0.03 6.35 22.08
N TYR B 759 -0.50 7.56 22.40
CA TYR B 759 0.39 8.61 22.85
C TYR B 759 0.80 8.40 24.30
N VAL B 760 2.02 8.85 24.62
CA VAL B 760 2.57 8.64 25.96
C VAL B 760 1.77 9.39 27.01
N GLU B 761 1.04 10.43 26.60
CA GLU B 761 0.27 11.21 27.56
C GLU B 761 -0.73 10.35 28.31
N ASN B 762 -1.38 9.42 27.61
CA ASN B 762 -2.37 8.55 28.22
C ASN B 762 -1.78 7.24 28.75
N ASN B 763 -0.47 7.04 28.59
CA ASN B 763 0.19 5.81 29.04
C ASN B 763 1.24 6.08 30.11
N LEU B 764 1.21 7.25 30.75
CA LEU B 764 2.22 7.55 31.77
C LEU B 764 2.30 6.53 32.88
N PRO B 765 1.19 6.00 33.42
CA PRO B 765 1.31 5.01 34.50
C PRO B 765 2.16 3.81 34.13
N ALA B 766 2.07 3.34 32.88
CA ALA B 766 2.85 2.17 32.48
C ALA B 766 4.32 2.51 32.28
N CYS B 767 4.63 3.74 31.89
CA CYS B 767 6.02 4.11 31.61
C CYS B 767 6.89 4.04 32.86
N ARG B 768 6.36 4.45 34.02
CA ARG B 768 7.17 4.48 35.23
C ARG B 768 7.71 3.12 35.64
N ALA B 769 7.10 2.03 35.16
CA ALA B 769 7.55 0.69 35.51
C ALA B 769 8.62 0.15 34.56
N ALA B 770 8.94 0.88 33.50
CA ALA B 770 9.94 0.40 32.54
C ALA B 770 11.33 0.49 33.15
N GLU B 771 12.13 -0.55 32.94
CA GLU B 771 13.51 -0.53 33.42
C GLU B 771 14.32 0.58 32.76
N ASN B 772 14.16 0.75 31.45
CA ASN B 772 14.83 1.82 30.73
C ASN B 772 13.88 2.36 29.68
N VAL B 773 14.04 3.64 29.35
CA VAL B 773 13.17 4.33 28.41
C VAL B 773 14.02 4.81 27.24
N VAL B 774 13.56 4.52 26.02
CA VAL B 774 14.28 4.89 24.80
C VAL B 774 13.42 5.88 24.03
N VAL B 775 14.02 6.99 23.62
CA VAL B 775 13.34 8.04 22.86
C VAL B 775 13.86 7.97 21.44
N ILE B 776 12.94 7.85 20.48
CA ILE B 776 13.28 7.63 19.08
C ILE B 776 12.73 8.78 18.25
N ASP B 777 13.57 9.31 17.37
CA ASP B 777 13.17 10.32 16.39
C ASP B 777 13.28 9.71 15.00
N PRO B 778 12.21 9.73 14.19
CA PRO B 778 12.33 9.25 12.81
C PRO B 778 12.74 10.36 11.86
N ASN B 779 13.43 9.96 10.80
CA ASN B 779 13.87 10.88 9.76
C ASN B 779 13.89 10.14 8.43
N LYS B 780 13.90 10.92 7.34
CA LYS B 780 13.91 10.32 6.01
C LYS B 780 15.17 9.48 5.78
N ARG B 781 16.32 10.02 6.15
CA ARG B 781 17.59 9.30 6.01
C ARG B 781 17.86 8.41 7.23
N ASP B 782 17.93 9.02 8.41
CA ASP B 782 18.07 8.27 9.66
C ASP B 782 16.68 7.81 10.08
N ILE B 783 16.33 6.59 9.66
CA ILE B 783 14.97 6.10 9.90
C ILE B 783 14.66 6.08 11.38
N LEU B 784 15.64 5.70 12.21
CA LEU B 784 15.50 5.73 13.66
C LEU B 784 16.73 6.39 14.27
N TYR B 785 16.52 7.32 15.19
CA TYR B 785 17.59 7.88 16.00
C TYR B 785 17.18 7.77 17.46
N CYS B 786 17.82 6.85 18.19
CA CYS B 786 17.40 6.47 19.52
C CYS B 786 18.39 6.98 20.56
N GLN B 787 17.87 7.46 21.67
CA GLN B 787 18.68 7.95 22.78
C GLN B 787 18.06 7.47 24.09
N ASP B 788 18.87 7.44 25.14
CA ASP B 788 18.44 7.04 26.47
C ASP B 788 18.81 8.12 27.48
N SER B 789 18.20 8.00 28.66
CA SER B 789 18.50 8.94 29.75
C SER B 789 19.95 8.87 30.18
N ASN B 790 20.62 7.75 29.94
CA ASN B 790 22.02 7.59 30.30
C ASN B 790 22.97 8.19 29.26
N GLY B 791 22.45 8.67 28.13
CA GLY B 791 23.25 9.32 27.12
C GLY B 791 23.70 8.44 25.98
N THR B 792 23.53 7.13 26.09
CA THR B 792 23.94 6.23 25.01
C THR B 792 23.05 6.44 23.79
N THR B 793 23.65 6.53 22.62
CA THR B 793 22.93 6.80 21.39
C THR B 793 23.01 5.60 20.44
N PHE B 794 22.05 5.56 19.51
CA PHE B 794 21.99 4.51 18.51
C PHE B 794 21.21 5.04 17.31
N ARG B 795 21.39 4.41 16.16
CA ARG B 795 20.64 4.82 14.99
C ARG B 795 20.50 3.67 14.02
N TYR B 796 19.45 3.76 13.19
CA TYR B 796 19.15 2.79 12.14
C TYR B 796 18.83 3.63 10.90
N THR B 797 19.76 3.65 9.95
CA THR B 797 19.72 4.56 8.82
C THR B 797 19.11 3.89 7.60
N ALA B 798 18.73 4.72 6.63
CA ALA B 798 18.16 4.22 5.39
C ALA B 798 19.20 3.41 4.60
N ASN B 799 20.45 3.86 4.59
CA ASN B 799 21.48 3.15 3.84
C ASN B 799 21.71 1.76 4.42
N GLN B 800 21.74 1.64 5.76
CA GLN B 800 21.91 0.33 6.37
C GLN B 800 20.76 -0.59 6.01
N ARG B 801 19.52 -0.08 6.04
CA ARG B 801 18.37 -0.89 5.68
C ARG B 801 18.45 -1.34 4.23
N ALA B 802 18.82 -0.43 3.34
CA ALA B 802 18.93 -0.77 1.92
C ALA B 802 20.00 -1.83 1.70
N VAL B 803 21.15 -1.70 2.36
CA VAL B 803 22.24 -2.64 2.17
C VAL B 803 21.86 -4.01 2.71
N GLU B 804 21.32 -4.06 3.93
CA GLU B 804 20.97 -5.34 4.53
C GLU B 804 19.84 -6.01 3.76
N THR B 805 18.81 -5.26 3.38
CA THR B 805 17.68 -5.83 2.66
C THR B 805 18.07 -6.23 1.24
N GLY B 806 19.10 -5.60 0.67
CA GLY B 806 19.54 -5.90 -0.67
C GLY B 806 18.68 -5.30 -1.76
N SER B 807 17.86 -4.30 -1.44
CA SER B 807 16.97 -3.72 -2.44
C SER B 807 17.76 -3.09 -3.59
N ARG B 808 18.83 -2.36 -3.27
CA ARG B 808 19.58 -1.67 -4.32
C ARG B 808 20.30 -2.65 -5.23
N ARG B 809 20.94 -3.68 -4.65
CA ARG B 809 21.63 -4.67 -5.48
C ARG B 809 20.65 -5.41 -6.38
N PHE B 810 19.51 -5.82 -5.83
CA PHE B 810 18.51 -6.51 -6.64
C PHE B 810 17.97 -5.60 -7.73
N ALA B 811 17.74 -4.32 -7.42
CA ALA B 811 17.26 -3.39 -8.43
C ALA B 811 18.27 -3.24 -9.56
N LYS B 812 19.56 -3.11 -9.21
CA LYS B 812 20.58 -2.98 -10.24
C LYS B 812 20.67 -4.24 -11.10
N ARG B 813 20.58 -5.41 -10.47
CA ARG B 813 20.63 -6.65 -11.24
C ARG B 813 19.42 -6.77 -12.16
N ARG B 814 18.24 -6.38 -11.69
CA ARG B 814 17.05 -6.41 -12.53
C ARG B 814 17.18 -5.45 -13.71
N GLU B 815 17.73 -4.26 -13.45
CA GLU B 815 17.95 -3.32 -14.54
C GLU B 815 18.94 -3.87 -15.56
N ALA B 816 20.00 -4.53 -15.08
CA ALA B 816 20.96 -5.14 -15.99
C ALA B 816 20.30 -6.23 -16.83
N MET B 817 19.46 -7.05 -16.20
CA MET B 817 18.75 -8.09 -16.94
C MET B 817 17.84 -7.48 -18.00
N LYS B 818 17.11 -6.43 -17.65
CA LYS B 818 16.24 -5.78 -18.61
C LYS B 818 17.04 -5.19 -19.78
N GLU B 819 18.17 -4.55 -19.48
CA GLU B 819 19.00 -3.99 -20.54
C GLU B 819 19.52 -5.09 -21.46
N GLU B 820 19.98 -6.21 -20.89
CA GLU B 820 20.50 -7.28 -21.71
C GLU B 820 19.40 -7.90 -22.57
N ALA B 821 18.21 -8.08 -22.01
CA ALA B 821 17.10 -8.67 -22.75
C ALA B 821 16.39 -7.67 -23.65
N GLY B 822 16.61 -6.38 -23.46
CA GLY B 822 15.95 -5.38 -24.27
C GLY B 822 14.47 -5.23 -24.02
N VAL B 823 13.99 -5.68 -22.85
CA VAL B 823 12.57 -5.58 -22.55
C VAL B 823 12.15 -4.15 -22.25
N ASP B 824 13.09 -3.27 -21.91
CA ASP B 824 12.74 -1.89 -21.57
C ASP B 824 12.08 -1.20 -22.76
N LEU B 825 12.62 -1.39 -23.96
CA LEU B 825 12.03 -0.77 -25.15
C LEU B 825 10.61 -1.26 -25.40
N ILE B 826 10.29 -2.49 -24.99
CA ILE B 826 8.96 -3.02 -25.19
C ILE B 826 7.97 -2.39 -24.21
N GLU B 827 8.35 -2.35 -22.93
CA GLU B 827 7.44 -1.87 -21.90
C GLU B 827 7.25 -0.36 -21.98
N SER B 828 8.31 0.38 -22.33
CA SER B 828 8.25 1.83 -22.32
C SER B 828 7.24 2.37 -23.33
N ARG B 829 6.94 1.63 -24.40
CA ARG B 829 6.05 2.10 -25.45
C ARG B 829 4.61 1.60 -25.28
N ILE B 830 4.30 0.91 -24.20
CA ILE B 830 2.97 0.38 -23.99
C ILE B 830 2.00 1.53 -23.76
N PRO B 831 0.90 1.63 -24.51
CA PRO B 831 -0.07 2.70 -24.24
C PRO B 831 -0.66 2.60 -22.85
N SER B 832 -1.04 3.74 -22.30
CA SER B 832 -1.58 3.79 -20.95
C SER B 832 -2.81 2.90 -20.83
N HIS B 833 -2.86 2.12 -19.75
CA HIS B 833 -4.00 1.24 -19.50
C HIS B 833 -5.11 1.91 -18.71
N LYS B 834 -4.92 3.17 -18.30
CA LYS B 834 -5.92 3.88 -17.52
C LYS B 834 -6.97 4.59 -18.39
N THR B 835 -6.84 4.49 -19.72
CA THR B 835 -7.79 5.14 -20.61
C THR B 835 -9.19 4.54 -20.43
N MET B 836 -10.20 5.40 -20.58
CA MET B 836 -11.59 4.99 -20.50
C MET B 836 -12.27 4.95 -21.87
N ASN B 837 -11.51 5.10 -22.94
CA ASN B 837 -12.05 5.03 -24.30
C ASN B 837 -11.82 3.64 -24.86
N LEU B 838 -12.84 3.09 -25.51
CA LEU B 838 -12.76 1.71 -25.99
C LEU B 838 -11.65 1.56 -27.02
N MET B 839 -11.49 2.54 -27.91
CA MET B 839 -10.45 2.45 -28.94
C MET B 839 -9.07 2.43 -28.32
N ASP B 840 -8.83 3.31 -27.33
CA ASP B 840 -7.53 3.36 -26.68
C ASP B 840 -7.25 2.07 -25.91
N PHE B 841 -8.26 1.53 -25.23
CA PHE B 841 -8.07 0.27 -24.51
C PHE B 841 -7.79 -0.86 -25.47
N THR B 842 -8.46 -0.88 -26.63
CA THR B 842 -8.18 -1.89 -27.63
C THR B 842 -6.75 -1.77 -28.15
N ARG B 843 -6.28 -0.54 -28.38
CA ARG B 843 -4.90 -0.34 -28.80
C ARG B 843 -3.93 -0.86 -27.74
N TYR B 844 -4.22 -0.58 -26.47
CA TYR B 844 -3.38 -1.07 -25.39
C TYR B 844 -3.33 -2.59 -25.37
N LEU B 845 -4.50 -3.22 -25.53
CA LEU B 845 -4.54 -4.68 -25.54
C LEU B 845 -3.75 -5.25 -26.71
N LEU B 846 -3.88 -4.63 -27.89
CA LEU B 846 -3.14 -5.11 -29.05
C LEU B 846 -1.65 -4.97 -28.84
N VAL B 847 -1.21 -3.84 -28.27
CA VAL B 847 0.22 -3.65 -28.01
C VAL B 847 0.71 -4.68 -26.99
N ARG B 848 -0.07 -4.93 -25.95
CA ARG B 848 0.31 -5.91 -24.95
C ARG B 848 0.45 -7.29 -25.56
N ARG B 849 -0.50 -7.67 -26.43
CA ARG B 849 -0.42 -8.96 -27.09
C ARG B 849 0.79 -9.04 -28.01
N ALA B 850 1.12 -7.93 -28.68
CA ALA B 850 2.18 -7.96 -29.69
C ALA B 850 3.48 -8.51 -29.14
N ASP B 851 3.82 -8.19 -27.90
CA ASP B 851 5.07 -8.63 -27.28
C ASP B 851 4.82 -9.42 -26.00
N TRP B 852 3.69 -10.12 -25.90
CA TRP B 852 3.40 -10.88 -24.69
C TRP B 852 4.36 -12.05 -24.54
N ASP B 853 4.71 -12.72 -25.64
CA ASP B 853 5.54 -13.92 -25.54
C ASP B 853 6.92 -13.62 -24.96
N ARG B 854 7.57 -12.55 -25.43
CA ARG B 854 8.91 -12.25 -24.96
C ARG B 854 8.92 -11.90 -23.48
N ARG B 855 8.00 -11.03 -23.06
CA ARG B 855 7.99 -10.60 -21.67
C ARG B 855 7.54 -11.72 -20.73
N LYS B 856 6.64 -12.59 -21.19
CA LYS B 856 6.26 -13.73 -20.37
C LYS B 856 7.44 -14.65 -20.11
N GLU B 857 8.25 -14.91 -21.14
CA GLU B 857 9.45 -15.71 -20.95
C GLU B 857 10.45 -15.00 -20.05
N PHE B 858 10.61 -13.68 -20.22
CA PHE B 858 11.56 -12.93 -19.41
C PHE B 858 11.18 -12.97 -17.94
N TYR B 859 9.90 -12.78 -17.63
CA TYR B 859 9.46 -12.77 -16.24
C TYR B 859 9.17 -14.16 -15.70
N SER B 860 9.21 -15.19 -16.55
CA SER B 860 9.13 -16.57 -16.09
C SER B 860 10.44 -17.05 -15.47
N HIS B 861 11.49 -16.25 -15.57
CA HIS B 861 12.77 -16.64 -15.00
C HIS B 861 12.65 -16.78 -13.48
N PRO B 862 13.35 -17.74 -12.87
CA PRO B 862 13.26 -17.88 -11.40
C PRO B 862 13.80 -16.69 -10.62
N ALA B 863 14.42 -15.73 -11.30
CA ALA B 863 15.12 -14.66 -10.59
C ALA B 863 14.14 -13.82 -9.76
N HIS B 864 12.92 -13.63 -10.25
CA HIS B 864 12.01 -12.68 -9.59
C HIS B 864 11.47 -13.22 -8.27
N THR B 865 10.94 -14.45 -8.29
CA THR B 865 10.43 -15.04 -7.07
C THR B 865 11.54 -15.28 -6.06
N ARG B 866 12.71 -15.72 -6.54
CA ARG B 866 13.85 -15.89 -5.65
C ARG B 866 14.28 -14.55 -5.05
N TRP B 867 14.22 -13.48 -5.84
CA TRP B 867 14.53 -12.15 -5.31
C TRP B 867 13.53 -11.76 -4.23
N LYS B 868 12.24 -12.03 -4.45
CA LYS B 868 11.25 -11.73 -3.41
C LYS B 868 11.53 -12.50 -2.13
N TRP B 869 11.83 -13.79 -2.26
CA TRP B 869 12.09 -14.61 -1.09
C TRP B 869 13.33 -14.14 -0.34
N HIS B 870 14.39 -13.82 -1.09
CA HIS B 870 15.61 -13.32 -0.47
C HIS B 870 15.38 -11.96 0.19
N SER B 871 14.55 -11.10 -0.42
CA SER B 871 14.22 -9.83 0.21
C SER B 871 13.49 -10.05 1.52
N PHE B 872 12.55 -11.00 1.56
CA PHE B 872 11.86 -11.31 2.80
C PHE B 872 12.85 -11.79 3.87
N ILE B 873 13.74 -12.70 3.50
CA ILE B 873 14.71 -13.21 4.46
C ILE B 873 15.61 -12.08 4.96
N ASN B 874 16.07 -11.22 4.05
CA ASN B 874 16.94 -10.12 4.44
C ASN B 874 16.24 -9.14 5.36
N ARG B 875 14.96 -8.85 5.09
CA ARG B 875 14.20 -7.97 5.97
C ARG B 875 14.07 -8.59 7.36
N GLN B 876 13.77 -9.88 7.43
CA GLN B 876 13.69 -10.55 8.72
C GLN B 876 15.02 -10.45 9.46
N LYS B 877 16.13 -10.73 8.76
CA LYS B 877 17.44 -10.66 9.38
C LYS B 877 17.75 -9.26 9.88
N SER B 878 17.45 -8.24 9.07
CA SER B 878 17.73 -6.87 9.45
C SER B 878 16.94 -6.46 10.68
N GLU B 879 15.64 -6.78 10.70
CA GLU B 879 14.83 -6.43 11.86
C GLU B 879 15.28 -7.17 13.12
N SER B 880 15.60 -8.46 13.00
CA SER B 880 16.08 -9.21 14.16
C SER B 880 17.40 -8.64 14.67
N ASP B 881 18.32 -8.28 13.77
CA ASP B 881 19.58 -7.69 14.19
C ASP B 881 19.35 -6.34 14.86
N LEU B 882 18.43 -5.54 14.33
CA LEU B 882 18.10 -4.27 14.96
C LEU B 882 17.60 -4.47 16.38
N ILE B 883 16.67 -5.41 16.57
CA ILE B 883 16.13 -5.65 17.89
C ILE B 883 17.22 -6.17 18.83
N SER B 884 18.08 -7.06 18.33
CA SER B 884 19.16 -7.59 19.17
C SER B 884 20.12 -6.49 19.59
N ASN B 885 20.49 -5.61 18.66
CA ASN B 885 21.39 -4.51 19.01
C ASN B 885 20.74 -3.56 20.01
N MET B 886 19.45 -3.26 19.83
CA MET B 886 18.76 -2.40 20.77
C MET B 886 18.74 -3.02 22.16
N ARG B 887 18.47 -4.32 22.24
CA ARG B 887 18.47 -5.00 23.54
C ARG B 887 19.86 -4.99 24.17
N ASN B 888 20.90 -5.24 23.36
CA ASN B 888 22.25 -5.26 23.89
C ASN B 888 22.69 -3.88 24.40
N LYS B 889 22.30 -2.81 23.72
CA LYS B 889 22.72 -1.47 24.13
C LYS B 889 21.89 -0.92 25.28
N TYR B 890 20.58 -1.20 25.30
CA TYR B 890 19.67 -0.59 26.24
C TYR B 890 19.08 -1.56 27.25
N GLY B 891 19.52 -2.82 27.26
CA GLY B 891 19.07 -3.78 28.24
C GLY B 891 18.06 -4.77 27.68
N GLU B 892 17.68 -5.72 28.53
CA GLU B 892 16.78 -6.78 28.11
C GLU B 892 15.42 -6.24 27.72
N ASN B 893 14.84 -5.36 28.55
CA ASN B 893 13.51 -4.84 28.32
C ASN B 893 13.53 -3.32 28.49
N PHE B 894 12.74 -2.63 27.66
CA PHE B 894 12.68 -1.18 27.70
C PHE B 894 11.40 -0.73 26.99
N THR B 895 11.09 0.55 27.13
CA THR B 895 9.94 1.16 26.50
C THR B 895 10.41 2.12 25.42
N VAL B 896 9.68 2.18 24.32
CA VAL B 896 10.05 2.98 23.15
C VAL B 896 9.07 4.15 23.05
N VAL B 897 9.63 5.36 23.01
CA VAL B 897 8.86 6.58 22.76
C VAL B 897 9.32 7.14 21.42
N MET B 898 8.39 7.28 20.47
CA MET B 898 8.69 7.68 19.11
C MET B 898 7.85 8.88 18.73
N GLY B 899 8.41 9.74 17.88
CA GLY B 899 7.69 10.88 17.36
C GLY B 899 6.52 10.47 16.49
N ASP B 900 5.50 11.32 16.40
CA ASP B 900 4.31 11.03 15.63
C ASP B 900 4.43 11.46 14.16
N TRP B 901 5.59 11.96 13.75
CA TRP B 901 5.75 12.41 12.37
C TRP B 901 5.63 11.24 11.40
N SER B 902 5.03 11.52 10.25
CA SER B 902 4.93 10.55 9.16
C SER B 902 4.97 11.30 7.83
N ASP B 903 5.46 10.61 6.81
CA ASP B 903 5.57 11.21 5.49
C ASP B 903 4.26 11.10 4.72
N SER B 914 11.64 4.80 3.16
CA SER B 914 11.49 5.34 4.50
C SER B 914 10.28 4.72 5.20
N LYS B 915 10.53 4.08 6.34
CA LYS B 915 9.50 3.43 7.12
C LYS B 915 9.08 4.34 8.26
N THR B 916 7.79 4.67 8.32
CA THR B 916 7.31 5.67 9.27
C THR B 916 6.38 5.07 10.31
N LYS B 917 5.32 4.39 9.88
CA LYS B 917 4.32 3.89 10.81
C LYS B 917 4.42 2.39 11.04
N GLY B 918 5.19 1.67 10.23
CA GLY B 918 5.31 0.23 10.40
C GLY B 918 6.05 -0.18 11.65
N TRP B 919 6.96 0.67 12.14
CA TRP B 919 7.75 0.31 13.33
C TRP B 919 6.86 -0.01 14.51
N ARG B 920 5.73 0.68 14.64
CA ARG B 920 4.81 0.40 15.74
C ARG B 920 4.44 -1.08 15.79
N THR B 921 4.28 -1.71 14.62
CA THR B 921 3.99 -3.13 14.58
C THR B 921 5.21 -3.95 15.00
N LEU B 922 6.39 -3.58 14.50
CA LEU B 922 7.58 -4.39 14.74
C LEU B 922 7.81 -4.60 16.22
N PHE B 923 7.81 -3.52 17.01
CA PHE B 923 8.04 -3.65 18.44
C PHE B 923 6.99 -4.53 19.10
N LYS B 924 5.75 -4.49 18.58
CA LYS B 924 4.71 -5.38 19.11
C LYS B 924 5.05 -6.83 18.83
N ARG B 925 5.61 -7.13 17.66
CA ARG B 925 6.00 -8.50 17.36
C ARG B 925 7.07 -9.00 18.31
N ASN B 926 7.92 -8.11 18.79
CA ASN B 926 8.97 -8.45 19.75
C ASN B 926 8.56 -8.17 21.19
N ARG B 927 7.29 -7.83 21.42
CA ARG B 927 6.78 -7.56 22.77
C ARG B 927 7.50 -6.40 23.43
N ILE B 928 7.70 -5.32 22.68
CA ILE B 928 8.30 -4.09 23.20
C ILE B 928 7.27 -2.98 23.08
N ASP B 929 7.00 -2.30 24.19
CA ASP B 929 6.00 -1.23 24.19
C ASP B 929 6.46 -0.06 23.35
N CYS B 930 5.52 0.52 22.60
CA CYS B 930 5.78 1.68 21.75
C CYS B 930 4.74 2.75 22.04
N PHE B 931 5.20 3.98 22.22
CA PHE B 931 4.33 5.10 22.53
C PHE B 931 4.70 6.29 21.67
N LEU B 932 3.73 7.17 21.41
CA LEU B 932 3.93 8.32 20.55
C LEU B 932 4.10 9.59 21.36
N LEU B 933 4.79 10.56 20.77
CA LEU B 933 5.02 11.86 21.38
C LEU B 933 5.02 12.94 20.31
N ASP B 934 4.48 14.10 20.64
CA ASP B 934 4.40 15.20 19.69
C ASP B 934 5.78 15.79 19.46
N GLU B 935 6.08 16.15 18.21
CA GLU B 935 7.38 16.72 17.85
C GLU B 935 7.35 18.24 17.74
N TYR B 936 6.26 18.89 18.14
CA TYR B 936 6.11 20.32 17.93
C TYR B 936 7.29 21.09 18.52
N LYS B 937 8.02 21.79 17.65
CA LYS B 937 9.14 22.66 18.01
C LYS B 937 10.19 21.96 18.85
N THR B 938 10.29 20.63 18.76
CA THR B 938 11.33 19.91 19.49
C THR B 938 12.71 20.14 18.88
N SER B 939 12.76 20.61 17.63
CA SER B 939 14.01 20.85 16.93
C SER B 939 14.39 22.33 16.89
N SER B 940 13.86 23.14 17.82
CA SER B 940 14.16 24.57 17.82
C SER B 940 14.42 25.11 19.22
N VAL B 941 14.94 24.27 20.12
CA VAL B 941 15.24 24.66 21.49
C VAL B 941 16.56 24.03 21.90
N CYS B 942 17.41 24.83 22.57
CA CYS B 942 18.68 24.31 23.08
C CYS B 942 18.48 23.80 24.50
N PRO B 943 18.74 22.51 24.76
CA PRO B 943 18.48 21.98 26.11
C PRO B 943 19.33 22.60 27.20
N ARG B 944 20.49 23.19 26.87
CA ARG B 944 21.38 23.70 27.89
C ARG B 944 21.05 25.12 28.34
N CYS B 945 20.14 25.81 27.63
CA CYS B 945 19.71 27.13 28.07
C CYS B 945 18.19 27.27 27.99
N SER B 946 17.52 26.30 27.38
CA SER B 946 16.06 26.25 27.28
C SER B 946 15.47 27.51 26.64
N SER B 947 16.25 28.23 25.83
CA SER B 947 15.81 29.44 25.16
C SER B 947 15.81 29.21 23.66
N SER B 948 14.66 29.46 23.02
CA SER B 948 14.54 29.24 21.58
C SER B 948 14.90 30.48 20.77
N GLU B 949 15.20 31.60 21.42
CA GLU B 949 15.48 32.83 20.69
C GLU B 949 16.85 32.81 20.02
N PHE B 950 17.78 32.00 20.54
CA PHE B 950 19.16 31.99 20.06
C PHE B 950 19.47 30.77 19.20
N VAL B 951 18.46 30.07 18.69
CA VAL B 951 18.68 28.89 17.86
C VAL B 951 18.90 29.34 16.42
N GLU B 952 19.96 28.82 15.80
CA GLU B 952 20.31 29.17 14.43
C GLU B 952 19.92 28.02 13.50
N LYS B 953 19.37 28.37 12.34
CA LYS B 953 18.94 27.39 11.35
C LYS B 953 19.49 27.76 9.98
N LYS B 954 19.95 26.74 9.26
CA LYS B 954 20.40 26.91 7.88
C LYS B 954 21.45 28.01 7.76
N PHE B 955 22.44 27.99 8.66
CA PHE B 955 23.44 29.05 8.68
C PHE B 955 24.60 28.81 7.71
N LYS B 956 24.68 27.65 7.08
CA LYS B 956 25.75 27.36 6.13
C LYS B 956 25.18 26.61 4.93
N THR B 957 25.87 26.73 3.80
CA THR B 957 25.49 26.11 2.55
C THR B 957 26.68 25.34 1.97
N ARG B 958 26.38 24.38 1.11
CA ARG B 958 27.42 23.56 0.52
C ARG B 958 26.92 22.98 -0.79
N PRO B 959 27.81 22.50 -1.65
CA PRO B 959 27.36 21.89 -2.91
C PRO B 959 26.40 20.75 -2.64
N HIS B 960 25.38 20.64 -3.49
CA HIS B 960 24.31 19.67 -3.26
C HIS B 960 24.87 18.26 -3.19
N SER B 961 24.36 17.48 -2.23
CA SER B 961 24.82 16.12 -2.04
C SER B 961 24.42 15.19 -3.18
N ARG B 962 23.24 15.38 -3.76
CA ARG B 962 22.79 14.52 -4.84
C ARG B 962 23.63 14.77 -6.09
N PRO B 963 24.28 13.75 -6.66
CA PRO B 963 25.20 14.01 -7.77
C PRO B 963 24.54 14.67 -8.97
N TRP B 964 23.31 14.29 -9.31
CA TRP B 964 22.66 14.88 -10.47
C TRP B 964 22.33 16.35 -10.23
N ARG B 965 21.91 16.69 -9.01
CA ARG B 965 21.76 18.09 -8.64
C ARG B 965 23.12 18.77 -8.50
N ARG B 966 24.13 18.02 -8.05
CA ARG B 966 25.45 18.61 -7.87
C ARG B 966 26.03 19.09 -9.20
N ARG B 967 25.95 18.25 -10.24
CA ARG B 967 26.44 18.67 -11.54
C ARG B 967 25.61 19.82 -12.11
N GLU B 968 24.35 19.92 -11.71
CA GLU B 968 23.47 20.99 -12.17
C GLU B 968 23.86 22.36 -11.59
N GLY B 969 24.75 22.41 -10.61
CA GLY B 969 25.17 23.67 -10.04
C GLY B 969 24.33 24.16 -8.89
N LYS B 970 23.49 23.31 -8.30
CA LYS B 970 22.65 23.72 -7.19
C LYS B 970 23.40 23.63 -5.87
N ILE B 971 22.97 24.44 -4.91
CA ILE B 971 23.59 24.54 -3.60
C ILE B 971 22.54 24.24 -2.54
N GLU B 972 22.91 23.45 -1.54
CA GLU B 972 21.99 22.99 -0.50
C GLU B 972 22.34 23.62 0.84
N LYS B 973 21.30 24.03 1.57
CA LYS B 973 21.46 24.47 2.95
C LYS B 973 21.46 23.26 3.87
N VAL B 974 22.35 23.27 4.85
CA VAL B 974 22.44 22.16 5.80
C VAL B 974 21.24 22.23 6.74
N HIS B 975 20.54 21.10 6.88
CA HIS B 975 19.33 21.06 7.69
C HIS B 975 19.58 20.49 9.08
N GLY B 976 20.37 19.42 9.17
CA GLY B 976 20.55 18.72 10.42
C GLY B 976 21.51 19.37 11.39
N LEU B 977 22.15 20.47 11.01
CA LEU B 977 23.09 21.18 11.87
C LEU B 977 22.44 22.47 12.35
N LEU B 978 22.45 22.69 13.67
CA LEU B 978 21.85 23.86 14.27
C LEU B 978 22.88 24.54 15.17
N GLY B 979 22.63 25.81 15.47
CA GLY B 979 23.54 26.58 16.29
C GLY B 979 22.87 27.34 17.41
N CYS B 980 23.55 27.46 18.54
CA CYS B 980 23.07 28.23 19.68
C CYS B 980 23.99 29.43 19.88
N THR B 981 23.38 30.61 20.05
CA THR B 981 24.13 31.85 20.15
C THR B 981 24.08 32.48 21.53
N ASN B 982 23.33 31.91 22.47
CA ASN B 982 23.23 32.49 23.80
C ASN B 982 24.61 32.48 24.46
N PRO B 983 25.05 33.58 25.06
CA PRO B 983 26.42 33.61 25.62
C PRO B 983 26.68 32.51 26.63
N ASN B 984 25.68 32.12 27.42
CA ASN B 984 25.90 31.11 28.45
C ASN B 984 26.40 29.78 27.87
N CYS B 985 25.95 29.43 26.67
CA CYS B 985 26.40 28.19 26.03
C CYS B 985 27.72 28.34 25.31
N LEU B 986 28.26 29.56 25.20
CA LEU B 986 29.47 29.82 24.45
C LEU B 986 30.67 29.89 25.39
N GLN B 987 31.87 29.90 24.79
CA GLN B 987 33.11 30.04 25.52
C GLN B 987 34.03 30.98 24.75
N GLN B 988 34.93 31.64 25.48
CA GLN B 988 35.86 32.58 24.86
C GLN B 988 36.88 31.90 23.96
N ALA B 989 37.04 30.58 24.06
CA ALA B 989 38.02 29.88 23.24
C ALA B 989 37.49 29.54 21.86
N TRP B 990 36.23 29.84 21.57
CA TRP B 990 35.60 29.50 20.31
C TRP B 990 35.57 30.72 19.40
N THR B 991 36.11 30.57 18.19
CA THR B 991 36.02 31.61 17.18
C THR B 991 34.79 31.45 16.29
N SER B 992 34.05 30.35 16.41
CA SER B 992 32.86 30.16 15.60
C SER B 992 31.72 31.07 16.05
N GLY B 993 31.63 31.35 17.34
CA GLY B 993 30.58 32.21 17.87
C GLY B 993 29.26 31.53 18.14
N MET B 994 29.18 30.21 17.99
CA MET B 994 27.94 29.49 18.25
C MET B 994 28.27 28.05 18.63
N ARG B 995 27.48 27.50 19.54
CA ARG B 995 27.59 26.09 19.91
C ARG B 995 26.86 25.25 18.87
N TYR B 996 27.54 24.25 18.33
CA TYR B 996 26.95 23.41 17.30
C TYR B 996 26.13 22.28 17.92
N TRP B 997 25.10 21.85 17.17
CA TRP B 997 24.21 20.80 17.63
C TRP B 997 23.72 20.00 16.43
N ASN B 998 23.55 18.69 16.63
CA ASN B 998 22.91 17.85 15.63
C ASN B 998 21.40 17.92 15.81
N ARG B 999 20.68 18.02 14.69
CA ARG B 999 19.22 18.14 14.76
C ARG B 999 18.61 16.95 15.48
N ASP B 1000 19.04 15.74 15.14
CA ASP B 1000 18.51 14.55 15.80
C ASP B 1000 18.87 14.54 17.28
N MET B 1001 20.09 14.96 17.62
CA MET B 1001 20.48 15.01 19.03
C MET B 1001 19.61 15.98 19.80
N LEU B 1002 19.38 17.17 19.24
CA LEU B 1002 18.52 18.15 19.91
C LEU B 1002 17.10 17.61 20.06
N SER B 1003 16.57 16.98 19.01
CA SER B 1003 15.22 16.44 19.08
C SER B 1003 15.11 15.40 20.18
N THR B 1004 16.08 14.48 20.23
CA THR B 1004 16.05 13.43 21.25
C THR B 1004 16.20 14.00 22.65
N CYS B 1005 17.09 14.98 22.84
CA CYS B 1005 17.27 15.57 24.16
C CYS B 1005 16.01 16.29 24.62
N ASN B 1006 15.39 17.06 23.73
CA ASN B 1006 14.16 17.76 24.08
C ASN B 1006 13.03 16.77 24.38
N MET B 1007 12.95 15.69 23.60
CA MET B 1007 11.93 14.68 23.87
C MET B 1007 12.17 14.00 25.21
N LEU B 1008 13.43 13.73 25.55
CA LEU B 1008 13.74 13.17 26.86
C LEU B 1008 13.34 14.12 27.98
N LEU B 1009 13.61 15.42 27.81
CA LEU B 1009 13.17 16.39 28.81
C LEU B 1009 11.66 16.41 28.94
N ILE B 1010 10.95 16.34 27.81
CA ILE B 1010 9.49 16.33 27.84
C ILE B 1010 8.99 15.08 28.58
N VAL B 1011 9.59 13.93 28.30
CA VAL B 1011 9.19 12.70 28.97
C VAL B 1011 9.44 12.78 30.46
N ARG B 1012 10.59 13.33 30.85
CA ARG B 1012 10.88 13.48 32.27
C ARG B 1012 9.87 14.40 32.94
N SER B 1013 9.53 15.51 32.28
CA SER B 1013 8.53 16.42 32.83
C SER B 1013 7.18 15.74 32.99
N MET B 1014 6.78 14.96 31.99
CA MET B 1014 5.50 14.26 32.07
C MET B 1014 5.50 13.23 33.21
N LEU B 1015 6.61 12.49 33.35
CA LEU B 1015 6.70 11.50 34.42
C LEU B 1015 6.74 12.17 35.79
N ASP B 1016 7.29 13.38 35.86
CA ASP B 1016 7.36 14.12 37.11
C ASP B 1016 6.03 14.76 37.49
N GLY B 1017 5.02 14.68 36.63
CA GLY B 1017 3.73 15.26 36.91
C GLY B 1017 3.55 16.69 36.47
N HIS B 1018 4.59 17.32 35.93
CA HIS B 1018 4.51 18.71 35.48
C HIS B 1018 3.97 18.83 34.06
N GLY B 1019 3.72 17.71 33.38
CA GLY B 1019 3.18 17.78 32.03
C GLY B 1019 4.21 18.24 31.02
N ARG B 1020 3.71 18.59 29.84
CA ARG B 1020 4.58 19.04 28.76
C ARG B 1020 5.16 20.41 29.10
N PRO B 1021 6.45 20.65 28.86
CA PRO B 1021 7.01 21.98 29.14
C PRO B 1021 6.31 23.06 28.32
N GLU B 1022 6.26 24.26 28.91
CA GLU B 1022 5.57 25.38 28.26
C GLU B 1022 6.23 25.72 26.92
N VAL B 1023 7.56 25.66 26.87
CA VAL B 1023 8.27 26.10 25.66
C VAL B 1023 7.85 25.26 24.46
N PHE B 1024 7.66 23.95 24.64
CA PHE B 1024 7.27 23.06 23.55
C PHE B 1024 5.76 22.95 23.39
N SER B 1025 4.99 23.64 24.22
CA SER B 1025 3.54 23.53 24.17
C SER B 1025 2.97 24.34 23.02
N ARG B 1026 1.96 23.78 22.36
CA ARG B 1026 1.27 24.48 21.28
C ARG B 1026 0.37 25.57 21.83
N SER B 1027 0.07 26.55 20.99
CA SER B 1027 -0.80 27.65 21.38
C SER B 1027 -1.30 28.40 20.14
MG MG E . 15.64 14.17 13.31
MG MG F . 11.10 14.74 14.31
ZN ZN G . 21.94 27.11 24.38
#